data_6FGC
#
_entry.id   6FGC
#
_cell.length_a   87.100
_cell.length_b   99.220
_cell.length_c   113.260
_cell.angle_alpha   90.00
_cell.angle_beta   90.00
_cell.angle_gamma   90.00
#
_symmetry.space_group_name_H-M   'I 2 2 2'
#
loop_
_entity.id
_entity.type
_entity.pdbx_description
1 polymer Gephyrin
2 non-polymer 'CALCIUM ION'
3 non-polymer "ADENOSINE-5'-DIPHOSPHATE"
4 non-polymer 'PHOSPHATE ION'
5 non-polymer (4S)-2-METHYL-2,4-PENTANEDIOL
6 non-polymer (4R)-2-METHYLPENTANE-2,4-DIOL
7 non-polymer 'ACETATE ION'
8 non-polymer Artesunate
9 non-polymer 'CHLORIDE ION'
10 water water
#
_entity_poly.entity_id   1
_entity_poly.type   'polypeptide(L)'
_entity_poly.pdbx_seq_one_letter_code
;MSPFPLTSMDKAFITVLEMTPVLGTEIINYRDGMGRVLAQDVYAKDNLPPFPASVKDGYAVRAADGPGDRFIIGESQAGE
QPTQTVMPGQVMRVTTGAPIPCGADAVVQVEDTELIRESDDGTEELEVRILVQARPGQDIRPIGHDIKRGECVLAKGTHM
GPSEIGLLATVGVTEVEVNKFPVVAVMSTGNELLNPEDDLLPGKIRDSNRSTLLATIQEHGYPTINLGIVGDNPDDLLNA
LNEGISRADVIITSGGVSMGEKDYLKQVLDIDLHAQIHFGRVFMKPGLPTTFATLDIDGVRKIIFALPGNPVSAVVTCNL
FVVPALRKMQGILDPRPTIIKARLSCDVKLDPRPEYHRCILTWHHQEPLPWAQSTGNQMSSRLMSMRSANGLLMLPPKTE
QYVELHKGEVVDVMVIGRL
;
_entity_poly.pdbx_strand_id   A
#
loop_
_chem_comp.id
_chem_comp.type
_chem_comp.name
_chem_comp.formula
ACT non-polymer 'ACETATE ION' 'C2 H3 O2 -1'
ADP non-polymer ADENOSINE-5'-DIPHOSPHATE 'C10 H15 N5 O10 P2'
CA non-polymer 'CALCIUM ION' 'Ca 2'
CL non-polymer 'CHLORIDE ION' 'Cl -1'
D95 non-polymer Artesunate 'C19 H28 O8'
MPD non-polymer (4S)-2-METHYL-2,4-PENTANEDIOL 'C6 H14 O2'
MRD non-polymer (4R)-2-METHYLPENTANE-2,4-DIOL 'C6 H14 O2'
PO4 non-polymer 'PHOSPHATE ION' 'O4 P -3'
#
# COMPACT_ATOMS: atom_id res chain seq x y z
N SER A 2 5.15 14.57 37.20
CA SER A 2 5.26 13.16 36.85
C SER A 2 6.41 12.89 35.89
N PRO A 3 7.50 12.28 36.39
CA PRO A 3 8.34 11.48 35.50
C PRO A 3 7.60 10.20 35.15
N PHE A 4 6.91 10.20 34.01
CA PHE A 4 6.00 9.13 33.60
C PHE A 4 6.64 7.75 33.71
N PRO A 5 5.87 6.70 33.98
CA PRO A 5 6.47 5.37 34.03
C PRO A 5 7.12 4.99 32.72
N LEU A 6 8.18 4.18 32.81
CA LEU A 6 8.73 3.55 31.63
C LEU A 6 7.76 2.50 31.13
N THR A 7 7.28 2.66 29.92
CA THR A 7 6.35 1.72 29.31
C THR A 7 7.13 0.78 28.40
N SER A 8 6.86 -0.52 28.48
CA SER A 8 7.53 -1.43 27.56
C SER A 8 7.14 -1.11 26.12
N MET A 9 8.06 -1.44 25.19
CA MET A 9 7.76 -1.23 23.77
CA MET A 9 7.78 -1.24 23.79
C MET A 9 6.48 -1.94 23.38
N ASP A 10 6.32 -3.19 23.82
CA ASP A 10 5.14 -3.93 23.41
C ASP A 10 3.87 -3.24 23.92
N LYS A 11 3.86 -2.84 25.19
CA LYS A 11 2.68 -2.17 25.72
CA LYS A 11 2.68 -2.17 25.72
C LYS A 11 2.43 -0.84 25.01
N ALA A 12 3.48 -0.09 24.74
CA ALA A 12 3.31 1.18 24.05
C ALA A 12 2.68 0.98 22.67
N PHE A 13 3.24 0.07 21.88
CA PHE A 13 2.73 -0.17 20.54
C PHE A 13 1.28 -0.65 20.57
N ILE A 14 0.98 -1.62 21.43
CA ILE A 14 -0.38 -2.12 21.51
C ILE A 14 -1.33 -1.01 21.93
N THR A 15 -0.90 -0.15 22.86
CA THR A 15 -1.72 0.97 23.29
C THR A 15 -2.02 1.92 22.14
N VAL A 16 -1.02 2.23 21.31
CA VAL A 16 -1.29 3.08 20.16
C VAL A 16 -2.38 2.47 19.29
N LEU A 17 -2.24 1.19 18.94
CA LEU A 17 -3.21 0.62 18.03
C LEU A 17 -4.60 0.51 18.68
N GLU A 18 -4.65 0.12 19.95
CA GLU A 18 -5.96 -0.04 20.59
CA GLU A 18 -5.96 -0.05 20.57
C GLU A 18 -6.68 1.28 20.74
N MET A 19 -5.95 2.36 20.96
CA MET A 19 -6.56 3.66 21.21
CA MET A 19 -6.56 3.66 21.21
C MET A 19 -6.83 4.46 19.94
N THR A 20 -6.26 4.08 18.82
CA THR A 20 -6.42 4.84 17.57
C THR A 20 -7.75 4.50 16.91
N PRO A 21 -8.55 5.49 16.49
CA PRO A 21 -9.80 5.19 15.81
C PRO A 21 -9.62 4.82 14.36
N VAL A 22 -10.68 4.24 13.78
CA VAL A 22 -10.82 4.09 12.34
C VAL A 22 -11.65 5.26 11.84
N LEU A 23 -11.14 5.95 10.80
CA LEU A 23 -11.86 7.09 10.29
C LEU A 23 -13.14 6.66 9.57
N GLY A 24 -14.03 7.64 9.39
CA GLY A 24 -15.25 7.45 8.65
C GLY A 24 -14.99 7.28 7.16
N THR A 25 -16.08 7.18 6.42
CA THR A 25 -16.01 6.85 5.01
C THR A 25 -16.41 8.03 4.14
N GLU A 26 -16.10 7.88 2.87
CA GLU A 26 -16.47 8.83 1.83
C GLU A 26 -16.50 8.10 0.50
N ILE A 27 -17.18 8.71 -0.47
CA ILE A 27 -17.23 8.18 -1.83
C ILE A 27 -16.17 8.86 -2.65
N ILE A 28 -15.38 8.06 -3.37
CA ILE A 28 -14.35 8.58 -4.25
C ILE A 28 -14.52 8.03 -5.65
N ASN A 29 -13.92 8.73 -6.61
CA ASN A 29 -13.75 8.18 -7.95
C ASN A 29 -12.71 7.07 -7.92
N TYR A 30 -12.97 6.01 -8.68
CA TYR A 30 -12.10 4.84 -8.66
C TYR A 30 -10.64 5.17 -9.01
N ARG A 31 -10.40 6.17 -9.87
CA ARG A 31 -9.03 6.51 -10.24
C ARG A 31 -8.24 7.06 -9.06
N ASP A 32 -8.94 7.51 -8.02
CA ASP A 32 -8.30 8.04 -6.83
C ASP A 32 -8.16 6.97 -5.75
N GLY A 33 -8.33 5.70 -6.10
CA GLY A 33 -8.37 4.68 -5.09
C GLY A 33 -7.06 4.09 -4.63
N MET A 34 -5.92 4.51 -5.16
CA MET A 34 -4.65 3.92 -4.77
CA MET A 34 -4.64 3.93 -4.77
C MET A 34 -4.41 4.06 -3.27
N GLY A 35 -4.19 2.93 -2.61
CA GLY A 35 -3.93 2.89 -1.19
C GLY A 35 -5.15 3.00 -0.32
N ARG A 36 -6.33 3.21 -0.91
CA ARG A 36 -7.55 3.27 -0.15
C ARG A 36 -8.01 1.87 0.22
N VAL A 37 -8.82 1.80 1.27
CA VAL A 37 -9.49 0.58 1.70
C VAL A 37 -10.98 0.68 1.39
N LEU A 38 -11.50 -0.32 0.68
CA LEU A 38 -12.93 -0.39 0.42
C LEU A 38 -13.73 -0.55 1.70
N ALA A 39 -14.79 0.23 1.79
CA ALA A 39 -15.75 0.18 2.89
C ALA A 39 -17.06 -0.43 2.45
N GLN A 40 -17.11 -0.97 1.24
CA GLN A 40 -18.26 -1.69 0.69
C GLN A 40 -17.74 -2.88 -0.09
N ASP A 41 -18.59 -3.91 -0.20
CA ASP A 41 -18.41 -4.91 -1.24
C ASP A 41 -18.78 -4.33 -2.60
N VAL A 42 -18.09 -4.80 -3.64
CA VAL A 42 -18.30 -4.35 -5.01
C VAL A 42 -18.75 -5.54 -5.85
N TYR A 43 -19.83 -5.34 -6.58
CA TYR A 43 -20.44 -6.39 -7.40
C TYR A 43 -20.38 -6.05 -8.88
N ALA A 44 -20.27 -7.11 -9.69
CA ALA A 44 -20.35 -6.96 -11.13
C ALA A 44 -21.82 -6.85 -11.54
N LYS A 45 -22.14 -5.91 -12.42
CA LYS A 45 -23.49 -5.85 -12.98
C LYS A 45 -23.57 -6.44 -14.37
N ASP A 46 -22.44 -6.84 -14.96
CA ASP A 46 -22.36 -7.45 -16.28
C ASP A 46 -21.50 -8.70 -16.20
N ASN A 47 -21.72 -9.61 -17.16
CA ASN A 47 -20.81 -10.70 -17.38
C ASN A 47 -19.53 -10.22 -18.09
N LEU A 48 -18.42 -10.90 -17.80
CA LEU A 48 -17.18 -10.73 -18.56
C LEU A 48 -16.72 -12.11 -18.99
N PRO A 49 -16.56 -12.37 -20.29
CA PRO A 49 -17.00 -11.48 -21.36
C PRO A 49 -18.52 -11.47 -21.38
N PRO A 50 -19.13 -10.43 -21.95
CA PRO A 50 -20.60 -10.36 -22.00
C PRO A 50 -21.20 -11.05 -23.22
N PHE A 51 -20.36 -11.50 -24.11
CA PHE A 51 -20.66 -12.33 -25.27
C PHE A 51 -19.62 -13.46 -25.28
N PRO A 52 -19.90 -14.58 -25.94
CA PRO A 52 -18.85 -15.59 -26.10
C PRO A 52 -17.74 -15.03 -26.95
N ALA A 53 -16.50 -15.11 -26.48
CA ALA A 53 -15.41 -14.37 -27.09
C ALA A 53 -14.31 -15.31 -27.56
N SER A 54 -13.78 -15.03 -28.73
CA SER A 54 -12.65 -15.80 -29.24
C SER A 54 -11.39 -15.50 -28.45
N VAL A 55 -10.63 -16.56 -28.16
CA VAL A 55 -9.30 -16.45 -27.57
C VAL A 55 -8.23 -16.31 -28.64
N LYS A 56 -8.57 -16.50 -29.91
CA LYS A 56 -7.59 -16.67 -30.96
C LYS A 56 -8.00 -15.94 -32.23
N ASP A 57 -7.01 -15.63 -33.05
CA ASP A 57 -7.23 -15.34 -34.46
C ASP A 57 -7.41 -16.67 -35.18
N GLY A 58 -8.50 -16.80 -35.92
CA GLY A 58 -8.78 -18.06 -36.56
C GLY A 58 -10.18 -18.09 -37.12
N TYR A 59 -10.89 -19.19 -36.90
CA TYR A 59 -12.21 -19.41 -37.46
C TYR A 59 -13.13 -20.00 -36.43
N ALA A 60 -14.35 -19.48 -36.38
CA ALA A 60 -15.44 -20.07 -35.63
C ALA A 60 -16.05 -21.18 -36.48
N VAL A 61 -16.13 -22.37 -35.90
CA VAL A 61 -16.51 -23.58 -36.62
C VAL A 61 -17.57 -24.34 -35.84
N ARG A 62 -18.19 -25.30 -36.55
CA ARG A 62 -18.97 -26.36 -35.93
CA ARG A 62 -18.97 -26.36 -35.93
C ARG A 62 -18.04 -27.54 -35.70
N ALA A 63 -17.80 -27.88 -34.43
CA ALA A 63 -16.89 -28.99 -34.17
C ALA A 63 -17.38 -30.28 -34.84
N ALA A 64 -18.70 -30.48 -34.91
CA ALA A 64 -19.26 -31.70 -35.50
C ALA A 64 -18.94 -31.86 -36.98
N ASP A 65 -18.57 -30.78 -37.66
CA ASP A 65 -18.16 -30.88 -39.06
C ASP A 65 -16.82 -31.59 -39.20
N GLY A 66 -16.01 -31.60 -38.15
CA GLY A 66 -14.70 -32.20 -38.21
C GLY A 66 -13.75 -31.39 -39.08
N PRO A 67 -12.61 -31.98 -39.40
CA PRO A 67 -11.67 -31.34 -40.34
C PRO A 67 -12.25 -31.33 -41.75
N GLY A 68 -11.69 -30.47 -42.57
CA GLY A 68 -12.05 -30.46 -43.97
C GLY A 68 -12.21 -29.05 -44.49
N ASP A 69 -12.71 -28.95 -45.72
CA ASP A 69 -12.75 -27.70 -46.46
C ASP A 69 -14.08 -27.00 -46.23
N ARG A 70 -14.02 -25.71 -45.90
CA ARG A 70 -15.18 -24.95 -45.44
CA ARG A 70 -15.19 -24.98 -45.46
C ARG A 70 -15.32 -23.65 -46.19
N PHE A 71 -16.57 -23.26 -46.42
CA PHE A 71 -16.87 -21.94 -46.96
C PHE A 71 -16.84 -20.93 -45.83
N ILE A 72 -16.15 -19.82 -46.06
CA ILE A 72 -16.06 -18.73 -45.10
C ILE A 72 -17.19 -17.75 -45.42
N ILE A 73 -18.15 -17.62 -44.51
CA ILE A 73 -19.34 -16.82 -44.82
C ILE A 73 -19.21 -15.38 -44.38
N GLY A 74 -18.15 -15.02 -43.68
CA GLY A 74 -17.98 -13.68 -43.20
C GLY A 74 -16.92 -13.63 -42.12
N GLU A 75 -16.84 -12.48 -41.47
CA GLU A 75 -15.86 -12.23 -40.42
CA GLU A 75 -15.87 -12.23 -40.43
C GLU A 75 -16.56 -11.63 -39.21
N SER A 76 -16.10 -12.03 -38.05
CA SER A 76 -16.49 -11.40 -36.79
C SER A 76 -15.29 -10.60 -36.31
N GLN A 77 -15.45 -9.29 -36.21
CA GLN A 77 -14.38 -8.42 -35.75
C GLN A 77 -14.68 -7.92 -34.35
N ALA A 78 -13.62 -7.60 -33.63
CA ALA A 78 -13.80 -7.09 -32.27
C ALA A 78 -14.69 -5.85 -32.29
N GLY A 79 -15.67 -5.83 -31.39
CA GLY A 79 -16.54 -4.70 -31.22
C GLY A 79 -17.82 -4.73 -32.03
N GLU A 80 -18.05 -5.77 -32.82
CA GLU A 80 -19.24 -5.87 -33.67
C GLU A 80 -19.96 -7.18 -33.35
N GLN A 81 -21.24 -7.11 -33.07
CA GLN A 81 -22.01 -8.33 -32.87
CA GLN A 81 -22.01 -8.33 -32.87
C GLN A 81 -22.30 -8.97 -34.23
N PRO A 82 -21.97 -10.24 -34.43
CA PRO A 82 -22.29 -10.86 -35.72
C PRO A 82 -23.78 -11.08 -35.90
N THR A 83 -24.20 -11.05 -37.16
CA THR A 83 -25.59 -11.23 -37.53
C THR A 83 -25.85 -12.55 -38.23
N GLN A 84 -24.82 -13.23 -38.69
CA GLN A 84 -25.00 -14.45 -39.46
C GLN A 84 -24.92 -15.68 -38.56
N THR A 85 -25.52 -16.76 -39.02
CA THR A 85 -25.49 -18.05 -38.34
C THR A 85 -24.66 -19.02 -39.17
N VAL A 86 -23.68 -19.64 -38.53
CA VAL A 86 -22.85 -20.64 -39.20
C VAL A 86 -23.64 -21.94 -39.30
N MET A 87 -23.77 -22.46 -40.51
CA MET A 87 -24.43 -23.73 -40.77
C MET A 87 -23.39 -24.78 -41.14
N PRO A 88 -23.77 -26.05 -41.15
CA PRO A 88 -22.79 -27.11 -41.46
C PRO A 88 -22.07 -26.82 -42.76
N GLY A 89 -20.75 -27.00 -42.74
CA GLY A 89 -19.91 -26.78 -43.89
C GLY A 89 -19.37 -25.37 -43.99
N GLN A 90 -19.71 -24.51 -43.05
CA GLN A 90 -19.35 -23.11 -43.09
C GLN A 90 -18.53 -22.77 -41.85
N VAL A 91 -17.74 -21.71 -41.97
CA VAL A 91 -17.04 -21.11 -40.84
C VAL A 91 -17.11 -19.61 -40.96
N MET A 92 -16.72 -18.91 -39.88
CA MET A 92 -16.59 -17.47 -39.90
C MET A 92 -15.21 -17.10 -39.39
N ARG A 93 -14.52 -16.16 -40.04
CA ARG A 93 -13.26 -15.69 -39.50
CA ARG A 93 -13.27 -15.66 -39.50
C ARG A 93 -13.51 -14.95 -38.18
N VAL A 94 -12.61 -15.11 -37.23
CA VAL A 94 -12.68 -14.41 -35.96
C VAL A 94 -11.29 -13.88 -35.59
N THR A 95 -11.29 -12.82 -34.79
CA THR A 95 -10.07 -12.28 -34.21
CA THR A 95 -10.09 -12.27 -34.21
C THR A 95 -10.18 -12.35 -32.69
N THR A 96 -9.04 -12.21 -32.03
CA THR A 96 -9.03 -12.31 -30.58
C THR A 96 -9.91 -11.25 -29.96
N GLY A 97 -10.83 -11.68 -29.10
CA GLY A 97 -11.75 -10.80 -28.41
C GLY A 97 -13.04 -10.53 -29.15
N ALA A 98 -13.21 -11.05 -30.36
CA ALA A 98 -14.40 -10.88 -31.14
C ALA A 98 -15.47 -11.88 -30.73
N PRO A 99 -16.75 -11.54 -30.95
CA PRO A 99 -17.81 -12.46 -30.54
C PRO A 99 -17.92 -13.65 -31.46
N ILE A 100 -18.31 -14.77 -30.87
CA ILE A 100 -18.57 -16.01 -31.61
C ILE A 100 -19.97 -15.94 -32.23
N PRO A 101 -20.12 -16.21 -33.51
CA PRO A 101 -21.46 -16.16 -34.10
C PRO A 101 -22.32 -17.36 -33.72
N CYS A 102 -23.63 -17.13 -33.78
CA CYS A 102 -24.58 -18.23 -33.64
CA CYS A 102 -24.59 -18.21 -33.66
C CYS A 102 -24.23 -19.34 -34.61
N GLY A 103 -24.43 -20.58 -34.16
CA GLY A 103 -24.19 -21.76 -34.95
C GLY A 103 -22.79 -22.34 -34.86
N ALA A 104 -21.82 -21.57 -34.36
CA ALA A 104 -20.47 -22.07 -34.14
C ALA A 104 -20.30 -22.44 -32.68
N ASP A 105 -19.51 -23.47 -32.43
CA ASP A 105 -19.30 -23.90 -31.06
C ASP A 105 -17.84 -24.09 -30.71
N ALA A 106 -16.92 -23.75 -31.62
CA ALA A 106 -15.51 -23.87 -31.31
C ALA A 106 -14.75 -22.88 -32.17
N VAL A 107 -13.53 -22.56 -31.75
CA VAL A 107 -12.62 -21.77 -32.58
C VAL A 107 -11.39 -22.62 -32.89
N VAL A 108 -10.98 -22.58 -34.15
CA VAL A 108 -9.73 -23.18 -34.63
C VAL A 108 -8.79 -22.04 -34.95
N GLN A 109 -7.62 -22.04 -34.31
CA GLN A 109 -6.66 -20.99 -34.55
C GLN A 109 -6.09 -21.09 -35.96
N VAL A 110 -5.70 -19.94 -36.49
CA VAL A 110 -5.29 -19.88 -37.89
C VAL A 110 -4.14 -20.85 -38.18
N GLU A 111 -3.23 -21.06 -37.22
CA GLU A 111 -2.11 -21.97 -37.43
C GLU A 111 -2.55 -23.40 -37.76
N ASP A 112 -3.76 -23.79 -37.37
CA ASP A 112 -4.30 -25.13 -37.62
C ASP A 112 -5.17 -25.16 -38.87
N THR A 113 -4.91 -24.28 -39.83
CA THR A 113 -5.69 -24.16 -41.04
C THR A 113 -4.76 -23.84 -42.19
N GLU A 114 -5.27 -24.06 -43.38
CA GLU A 114 -4.66 -23.55 -44.61
C GLU A 114 -5.72 -22.87 -45.45
N LEU A 115 -5.41 -21.69 -45.96
CA LEU A 115 -6.35 -20.98 -46.82
C LEU A 115 -6.33 -21.60 -48.21
N ILE A 116 -7.49 -21.97 -48.75
CA ILE A 116 -7.52 -22.71 -50.01
C ILE A 116 -8.31 -22.02 -51.10
N ARG A 117 -9.10 -20.98 -50.81
CA ARG A 117 -9.65 -20.12 -51.86
C ARG A 117 -9.69 -18.69 -51.35
N GLU A 118 -9.34 -17.74 -52.22
CA GLU A 118 -9.45 -16.33 -51.89
C GLU A 118 -9.86 -15.55 -53.14
N SER A 119 -10.30 -14.31 -52.93
CA SER A 119 -10.69 -13.45 -54.05
C SER A 119 -9.47 -13.06 -54.88
N ASP A 120 -9.71 -12.65 -56.12
CA ASP A 120 -8.62 -12.28 -57.02
C ASP A 120 -7.71 -11.23 -56.39
N ASP A 121 -8.28 -10.26 -55.69
CA ASP A 121 -7.49 -9.18 -55.11
C ASP A 121 -6.89 -9.55 -53.75
N GLY A 122 -7.10 -10.77 -53.27
CA GLY A 122 -6.46 -11.24 -52.04
C GLY A 122 -6.93 -10.59 -50.77
N THR A 123 -7.99 -9.78 -50.80
CA THR A 123 -8.50 -9.12 -49.60
C THR A 123 -9.59 -9.93 -48.90
N GLU A 124 -10.17 -10.92 -49.56
CA GLU A 124 -11.32 -11.64 -49.01
C GLU A 124 -11.00 -13.13 -49.02
N GLU A 125 -11.02 -13.75 -47.83
CA GLU A 125 -10.83 -15.19 -47.72
C GLU A 125 -12.15 -15.87 -48.07
N LEU A 126 -12.09 -16.91 -48.91
CA LEU A 126 -13.30 -17.57 -49.38
C LEU A 126 -13.46 -19.00 -48.87
N GLU A 127 -12.38 -19.77 -48.80
CA GLU A 127 -12.50 -21.15 -48.37
C GLU A 127 -11.25 -21.49 -47.57
N VAL A 128 -11.43 -22.25 -46.49
CA VAL A 128 -10.32 -22.61 -45.63
C VAL A 128 -10.36 -24.10 -45.35
N ARG A 129 -9.18 -24.70 -45.28
CA ARG A 129 -9.04 -26.09 -44.87
C ARG A 129 -8.77 -26.15 -43.37
N ILE A 130 -9.70 -26.73 -42.63
CA ILE A 130 -9.56 -26.92 -41.18
C ILE A 130 -8.80 -28.23 -40.98
N LEU A 131 -7.62 -28.17 -40.36
CA LEU A 131 -6.74 -29.33 -40.33
C LEU A 131 -6.91 -30.19 -39.08
N VAL A 132 -7.73 -29.76 -38.13
CA VAL A 132 -7.83 -30.43 -36.84
C VAL A 132 -9.29 -30.72 -36.52
N GLN A 133 -9.48 -31.67 -35.62
CA GLN A 133 -10.77 -31.90 -34.98
C GLN A 133 -10.84 -31.03 -33.73
N ALA A 134 -11.67 -30.01 -33.79
CA ALA A 134 -11.86 -29.13 -32.65
C ALA A 134 -12.66 -29.83 -31.56
N ARG A 135 -12.35 -29.49 -30.32
CA ARG A 135 -13.25 -29.92 -29.25
CA ARG A 135 -13.25 -29.92 -29.25
C ARG A 135 -14.32 -28.85 -29.04
N PRO A 136 -15.57 -29.22 -28.77
CA PRO A 136 -16.59 -28.19 -28.51
C PRO A 136 -16.11 -27.24 -27.42
N GLY A 137 -16.27 -25.96 -27.67
CA GLY A 137 -15.86 -24.93 -26.74
C GLY A 137 -14.41 -24.50 -26.82
N GLN A 138 -13.59 -25.11 -27.66
CA GLN A 138 -12.17 -24.77 -27.63
CA GLN A 138 -12.16 -24.80 -27.73
C GLN A 138 -11.94 -23.35 -28.11
N ASP A 139 -11.02 -22.67 -27.42
CA ASP A 139 -10.59 -21.31 -27.75
C ASP A 139 -11.75 -20.32 -27.75
N ILE A 140 -12.74 -20.57 -26.89
CA ILE A 140 -13.85 -19.66 -26.63
C ILE A 140 -13.91 -19.38 -25.13
N ARG A 141 -14.02 -18.10 -24.76
CA ARG A 141 -14.42 -17.71 -23.41
C ARG A 141 -15.93 -17.58 -23.40
N PRO A 142 -16.68 -18.50 -22.78
CA PRO A 142 -18.14 -18.32 -22.70
C PRO A 142 -18.53 -17.10 -21.92
N ILE A 143 -19.79 -16.68 -22.12
CA ILE A 143 -20.34 -15.58 -21.35
C ILE A 143 -20.09 -15.83 -19.87
N GLY A 144 -19.53 -14.84 -19.19
CA GLY A 144 -19.34 -14.92 -17.77
C GLY A 144 -18.18 -15.79 -17.34
N HIS A 145 -17.35 -16.26 -18.28
CA HIS A 145 -16.23 -17.12 -17.90
C HIS A 145 -15.33 -16.48 -16.86
N ASP A 146 -15.10 -15.18 -16.99
CA ASP A 146 -14.15 -14.49 -16.12
C ASP A 146 -14.83 -13.83 -14.92
N ILE A 147 -15.97 -13.19 -15.15
CA ILE A 147 -16.76 -12.54 -14.11
C ILE A 147 -18.22 -12.78 -14.44
N LYS A 148 -19.02 -13.14 -13.45
CA LYS A 148 -20.44 -13.28 -13.68
C LYS A 148 -21.22 -12.09 -13.13
N ARG A 149 -22.24 -11.69 -13.85
CA ARG A 149 -23.17 -10.72 -13.30
C ARG A 149 -23.61 -11.19 -11.92
N GLY A 150 -23.55 -10.28 -10.94
CA GLY A 150 -23.97 -10.61 -9.60
C GLY A 150 -22.85 -11.05 -8.68
N GLU A 151 -21.67 -11.32 -9.24
CA GLU A 151 -20.52 -11.77 -8.48
C GLU A 151 -19.94 -10.62 -7.67
N CYS A 152 -19.60 -10.89 -6.43
CA CYS A 152 -18.79 -9.95 -5.65
C CYS A 152 -17.35 -10.07 -6.10
N VAL A 153 -16.80 -9.00 -6.69
CA VAL A 153 -15.46 -9.03 -7.24
C VAL A 153 -14.42 -8.44 -6.29
N LEU A 154 -14.83 -7.57 -5.37
CA LEU A 154 -13.95 -7.02 -4.34
C LEU A 154 -14.70 -6.93 -3.04
N ALA A 155 -14.09 -7.42 -1.96
CA ALA A 155 -14.71 -7.38 -0.64
C ALA A 155 -14.33 -6.12 0.12
N LYS A 156 -15.25 -5.66 0.96
CA LYS A 156 -14.91 -4.62 1.92
C LYS A 156 -13.69 -5.06 2.73
N GLY A 157 -12.80 -4.09 2.95
CA GLY A 157 -11.54 -4.32 3.63
C GLY A 157 -10.35 -4.46 2.69
N THR A 158 -10.60 -4.57 1.39
CA THR A 158 -9.52 -4.68 0.43
C THR A 158 -8.74 -3.37 0.34
N HIS A 159 -7.43 -3.49 0.45
CA HIS A 159 -6.49 -2.38 0.35
C HIS A 159 -6.05 -2.31 -1.11
N MET A 160 -6.47 -1.28 -1.83
CA MET A 160 -6.40 -1.28 -3.29
C MET A 160 -5.07 -0.82 -3.86
N GLY A 161 -4.66 -1.56 -4.87
CA GLY A 161 -3.56 -1.19 -5.75
C GLY A 161 -4.02 -1.10 -7.19
N PRO A 162 -3.07 -1.04 -8.13
CA PRO A 162 -3.45 -0.86 -9.54
C PRO A 162 -4.39 -1.90 -10.08
N SER A 163 -4.20 -3.16 -9.70
CA SER A 163 -5.05 -4.19 -10.28
C SER A 163 -6.49 -4.08 -9.77
N GLU A 164 -6.67 -3.62 -8.54
CA GLU A 164 -8.01 -3.43 -8.03
C GLU A 164 -8.69 -2.25 -8.72
N ILE A 165 -7.92 -1.20 -9.02
CA ILE A 165 -8.46 -0.08 -9.80
CA ILE A 165 -8.47 -0.09 -9.78
C ILE A 165 -8.90 -0.56 -11.18
N GLY A 166 -8.07 -1.41 -11.81
CA GLY A 166 -8.44 -1.96 -13.11
C GLY A 166 -9.68 -2.82 -13.04
N LEU A 167 -9.87 -3.55 -11.94
CA LEU A 167 -11.07 -4.35 -11.79
C LEU A 167 -12.33 -3.49 -11.62
N LEU A 168 -12.22 -2.39 -10.86
CA LEU A 168 -13.34 -1.44 -10.80
C LEU A 168 -13.68 -0.90 -12.18
N ALA A 169 -12.66 -0.56 -12.97
CA ALA A 169 -12.90 -0.12 -14.35
C ALA A 169 -13.62 -1.20 -15.15
N THR A 170 -13.13 -2.44 -15.06
CA THR A 170 -13.72 -3.56 -15.79
C THR A 170 -15.21 -3.66 -15.55
N VAL A 171 -15.60 -3.61 -14.27
CA VAL A 171 -17.00 -3.81 -13.93
C VAL A 171 -17.81 -2.52 -13.95
N GLY A 172 -17.21 -1.38 -14.31
CA GLY A 172 -17.92 -0.13 -14.43
C GLY A 172 -18.34 0.49 -13.11
N VAL A 173 -17.68 0.15 -12.01
CA VAL A 173 -18.02 0.72 -10.72
C VAL A 173 -17.00 1.83 -10.50
N THR A 174 -17.38 3.03 -10.92
CA THR A 174 -16.44 4.13 -11.00
C THR A 174 -16.47 5.01 -9.76
N GLU A 175 -17.41 4.77 -8.85
CA GLU A 175 -17.44 5.47 -7.57
CA GLU A 175 -17.40 5.46 -7.57
C GLU A 175 -17.58 4.42 -6.47
N VAL A 176 -16.75 4.53 -5.44
CA VAL A 176 -16.72 3.54 -4.37
C VAL A 176 -16.59 4.20 -3.01
N GLU A 177 -17.17 3.55 -2.01
CA GLU A 177 -17.04 3.97 -0.63
CA GLU A 177 -17.05 3.94 -0.61
C GLU A 177 -15.75 3.40 -0.04
N VAL A 178 -14.96 4.29 0.58
CA VAL A 178 -13.67 3.95 1.16
C VAL A 178 -13.52 4.67 2.49
N ASN A 179 -12.59 4.20 3.33
CA ASN A 179 -12.23 5.01 4.48
C ASN A 179 -11.47 6.26 4.05
N LYS A 180 -11.72 7.33 4.80
CA LYS A 180 -10.93 8.55 4.69
C LYS A 180 -9.47 8.29 5.03
N PHE A 181 -8.59 9.14 4.48
CA PHE A 181 -7.20 9.21 4.93
C PHE A 181 -7.08 10.21 6.07
N PRO A 182 -6.18 9.94 7.01
CA PRO A 182 -5.93 10.92 8.06
C PRO A 182 -5.20 12.14 7.53
N VAL A 183 -5.60 13.31 8.02
CA VAL A 183 -4.87 14.56 7.81
C VAL A 183 -3.94 14.73 9.01
N VAL A 184 -2.64 14.91 8.74
CA VAL A 184 -1.61 14.85 9.77
C VAL A 184 -0.89 16.19 9.85
N ALA A 185 -0.97 16.84 11.00
CA ALA A 185 -0.30 18.11 11.26
C ALA A 185 1.02 17.88 11.97
N VAL A 186 2.05 18.60 11.57
CA VAL A 186 3.37 18.44 12.16
C VAL A 186 3.89 19.79 12.62
N MET A 187 4.40 19.85 13.84
CA MET A 187 5.06 21.04 14.36
C MET A 187 6.40 20.64 14.96
N SER A 188 7.34 21.57 14.95
CA SER A 188 8.59 21.43 15.67
C SER A 188 8.59 22.39 16.85
N THR A 189 9.40 22.10 17.86
CA THR A 189 9.45 22.95 19.05
C THR A 189 10.89 23.26 19.43
N GLY A 190 11.11 24.50 19.86
CA GLY A 190 12.37 24.88 20.47
C GLY A 190 12.79 26.28 20.11
N ASN A 191 13.26 27.02 21.11
CA ASN A 191 13.72 28.39 20.88
C ASN A 191 14.97 28.45 20.03
N GLU A 192 15.67 27.33 19.87
CA GLU A 192 16.88 27.33 19.06
C GLU A 192 16.64 27.10 17.58
N LEU A 193 15.40 26.81 17.17
CA LEU A 193 15.13 26.39 15.80
C LEU A 193 14.85 27.55 14.87
N LEU A 194 15.44 27.46 13.69
CA LEU A 194 15.24 28.35 12.57
C LEU A 194 14.63 27.55 11.41
N ASN A 195 14.06 28.26 10.45
CA ASN A 195 13.56 27.52 9.30
C ASN A 195 14.70 27.07 8.41
N PRO A 196 14.47 26.03 7.61
CA PRO A 196 15.51 25.58 6.67
C PRO A 196 16.03 26.69 5.77
N GLU A 197 15.16 27.63 5.43
CA GLU A 197 15.46 28.75 4.55
C GLU A 197 16.33 29.83 5.22
N ASP A 198 16.55 29.75 6.52
CA ASP A 198 17.24 30.80 7.27
C ASP A 198 18.74 30.57 7.30
N ASP A 199 19.49 31.65 7.25
CA ASP A 199 20.88 31.61 7.66
C ASP A 199 20.95 31.44 9.18
N LEU A 200 22.02 30.83 9.66
CA LEU A 200 22.18 30.64 11.09
C LEU A 200 22.40 31.95 11.81
N LEU A 201 21.93 32.00 13.05
CA LEU A 201 22.13 33.06 14.01
C LEU A 201 22.74 32.45 15.26
N PRO A 202 23.39 33.25 16.11
CA PRO A 202 24.05 32.68 17.29
C PRO A 202 23.11 31.85 18.14
N GLY A 203 23.59 30.67 18.53
CA GLY A 203 22.82 29.80 19.40
C GLY A 203 21.77 28.97 18.71
N LYS A 204 21.63 29.08 17.38
CA LYS A 204 20.52 28.50 16.65
CA LYS A 204 20.52 28.47 16.69
C LYS A 204 20.98 27.43 15.67
N ILE A 205 20.03 26.55 15.32
CA ILE A 205 20.20 25.50 14.32
C ILE A 205 18.96 25.49 13.44
N ARG A 206 19.05 24.81 12.29
CA ARG A 206 17.86 24.64 11.46
C ARG A 206 16.99 23.47 11.91
N ASP A 207 15.67 23.68 11.83
CA ASP A 207 14.66 22.66 12.04
C ASP A 207 14.72 21.65 10.92
N SER A 208 15.13 20.42 11.24
CA SER A 208 15.07 19.33 10.26
C SER A 208 13.91 18.38 10.50
N ASN A 209 13.45 18.20 11.73
CA ASN A 209 12.44 17.19 12.02
C ASN A 209 11.14 17.44 11.24
N ARG A 210 10.73 18.70 11.12
CA ARG A 210 9.46 18.96 10.43
C ARG A 210 9.52 18.43 9.01
N SER A 211 10.62 18.71 8.31
CA SER A 211 10.80 18.23 6.93
C SER A 211 10.83 16.70 6.87
N THR A 212 11.59 16.08 7.76
CA THR A 212 11.72 14.63 7.74
C THR A 212 10.40 13.94 8.04
N LEU A 213 9.68 14.44 9.04
CA LEU A 213 8.44 13.84 9.45
C LEU A 213 7.37 14.07 8.38
N LEU A 214 7.26 15.30 7.87
CA LEU A 214 6.30 15.54 6.80
C LEU A 214 6.57 14.63 5.59
N ALA A 215 7.84 14.50 5.19
CA ALA A 215 8.17 13.63 4.06
C ALA A 215 7.83 12.18 4.34
N THR A 216 8.08 11.71 5.57
CA THR A 216 7.75 10.35 5.94
C THR A 216 6.25 10.10 5.79
N ILE A 217 5.43 11.03 6.27
CA ILE A 217 3.99 10.86 6.18
CA ILE A 217 3.99 10.87 6.18
C ILE A 217 3.52 10.93 4.72
N GLN A 218 4.05 11.89 3.96
CA GLN A 218 3.69 12.04 2.57
C GLN A 218 4.06 10.81 1.75
N GLU A 219 5.19 10.16 2.09
CA GLU A 219 5.61 8.96 1.38
C GLU A 219 4.56 7.85 1.49
N HIS A 220 3.80 7.85 2.57
CA HIS A 220 2.72 6.89 2.76
C HIS A 220 1.40 7.35 2.19
N GLY A 221 1.35 8.54 1.60
CA GLY A 221 0.20 8.96 0.83
C GLY A 221 -0.80 9.82 1.56
N TYR A 222 -0.49 10.26 2.77
CA TYR A 222 -1.48 10.96 3.58
C TYR A 222 -1.29 12.47 3.48
N PRO A 223 -2.40 13.22 3.50
CA PRO A 223 -2.29 14.69 3.48
C PRO A 223 -1.73 15.23 4.78
N THR A 224 -0.98 16.32 4.64
CA THR A 224 -0.28 16.90 5.77
C THR A 224 -0.57 18.39 5.90
N ILE A 225 -0.30 18.88 7.10
CA ILE A 225 -0.41 20.29 7.46
C ILE A 225 0.86 20.70 8.19
N ASN A 226 1.45 21.79 7.77
CA ASN A 226 2.72 22.25 8.34
C ASN A 226 2.39 23.31 9.38
N LEU A 227 2.59 22.97 10.66
CA LEU A 227 2.28 23.87 11.76
C LEU A 227 3.47 24.72 12.19
N GLY A 228 4.59 24.62 11.52
CA GLY A 228 5.74 25.46 11.78
C GLY A 228 6.52 25.14 13.05
N ILE A 229 7.28 26.15 13.47
CA ILE A 229 8.13 26.12 14.65
C ILE A 229 7.41 26.83 15.78
N VAL A 230 7.39 26.22 16.95
CA VAL A 230 6.77 26.79 18.14
C VAL A 230 7.81 26.91 19.24
N GLY A 231 7.86 28.07 19.89
CA GLY A 231 8.83 28.27 20.95
C GLY A 231 8.52 27.47 22.21
N ASP A 232 9.50 27.49 23.14
CA ASP A 232 9.39 26.78 24.41
C ASP A 232 8.62 27.64 25.40
N ASN A 233 7.31 27.76 25.17
CA ASN A 233 6.46 28.38 26.18
C ASN A 233 5.05 27.83 26.07
N PRO A 234 4.36 27.69 27.19
CA PRO A 234 3.10 26.93 27.19
C PRO A 234 1.98 27.58 26.40
N ASP A 235 1.88 28.92 26.41
CA ASP A 235 0.81 29.58 25.66
C ASP A 235 0.92 29.27 24.16
N ASP A 236 2.12 29.43 23.60
CA ASP A 236 2.32 29.19 22.16
C ASP A 236 2.08 27.73 21.82
N LEU A 237 2.53 26.82 22.69
CA LEU A 237 2.30 25.39 22.44
C LEU A 237 0.81 25.07 22.46
N LEU A 238 0.07 25.63 23.42
CA LEU A 238 -1.37 25.39 23.46
C LEU A 238 -2.04 25.90 22.20
N ASN A 239 -1.70 27.12 21.76
CA ASN A 239 -2.35 27.67 20.58
C ASN A 239 -2.07 26.81 19.35
N ALA A 240 -0.83 26.31 19.22
CA ALA A 240 -0.47 25.50 18.07
C ALA A 240 -1.17 24.15 18.10
N LEU A 241 -1.26 23.55 19.28
CA LEU A 241 -2.02 22.31 19.41
C LEU A 241 -3.49 22.53 19.06
N ASN A 242 -4.10 23.63 19.52
CA ASN A 242 -5.49 23.88 19.19
C ASN A 242 -5.68 24.04 17.69
N GLU A 243 -4.73 24.68 17.02
CA GLU A 243 -4.83 24.80 15.57
C GLU A 243 -4.74 23.42 14.90
N GLY A 244 -3.83 22.58 15.39
CA GLY A 244 -3.73 21.24 14.85
C GLY A 244 -4.98 20.42 15.04
N ILE A 245 -5.59 20.54 16.23
CA ILE A 245 -6.83 19.82 16.52
CA ILE A 245 -6.83 19.82 16.52
C ILE A 245 -7.93 20.27 15.56
N SER A 246 -7.98 21.56 15.26
CA SER A 246 -9.02 22.06 14.37
C SER A 246 -8.82 21.58 12.94
N ARG A 247 -7.55 21.49 12.52
CA ARG A 247 -7.24 21.31 11.11
C ARG A 247 -6.95 19.87 10.72
N ALA A 248 -6.71 18.98 11.69
CA ALA A 248 -6.15 17.67 11.39
C ALA A 248 -6.74 16.60 12.28
N ASP A 249 -6.53 15.35 11.87
CA ASP A 249 -6.95 14.20 12.65
C ASP A 249 -5.88 13.75 13.61
N VAL A 250 -4.63 14.02 13.27
CA VAL A 250 -3.45 13.57 13.99
C VAL A 250 -2.52 14.76 14.12
N ILE A 251 -1.93 14.94 15.29
CA ILE A 251 -0.92 15.96 15.51
CA ILE A 251 -0.92 15.96 15.52
C ILE A 251 0.37 15.26 15.90
N ILE A 252 1.46 15.61 15.22
CA ILE A 252 2.80 15.14 15.57
C ILE A 252 3.61 16.36 15.99
N THR A 253 4.17 16.34 17.18
CA THR A 253 5.16 17.30 17.61
C THR A 253 6.50 16.59 17.74
N SER A 254 7.59 17.36 17.76
CA SER A 254 8.86 16.83 18.21
C SER A 254 9.52 17.82 19.15
N GLY A 255 10.36 17.29 20.04
CA GLY A 255 11.07 18.08 21.01
C GLY A 255 10.27 18.36 22.28
N GLY A 256 10.98 18.80 23.31
CA GLY A 256 10.33 19.30 24.51
C GLY A 256 9.58 18.29 25.35
N VAL A 257 9.96 17.01 25.29
CA VAL A 257 9.26 15.94 26.02
C VAL A 257 10.13 15.26 27.06
N SER A 258 11.33 15.74 27.28
CA SER A 258 12.12 15.25 28.40
C SER A 258 11.72 16.04 29.65
N MET A 259 12.53 15.96 30.70
CA MET A 259 12.20 16.61 31.96
C MET A 259 12.89 17.97 32.10
N GLY A 260 13.37 18.53 31.01
CA GLY A 260 14.13 19.76 31.07
C GLY A 260 13.33 20.94 31.61
N GLU A 261 14.09 21.97 31.95
CA GLU A 261 13.50 23.17 32.55
C GLU A 261 12.53 23.86 31.60
N LYS A 262 12.79 23.76 30.29
CA LYS A 262 11.98 24.43 29.29
C LYS A 262 11.12 23.45 28.52
N ASP A 263 10.79 22.32 29.12
CA ASP A 263 9.94 21.31 28.48
C ASP A 263 8.53 21.41 29.08
N TYR A 264 7.58 21.90 28.27
CA TYR A 264 6.23 22.18 28.73
C TYR A 264 5.16 21.30 28.09
N LEU A 265 5.49 20.54 27.06
CA LEU A 265 4.46 19.92 26.24
C LEU A 265 3.58 18.96 27.04
N LYS A 266 4.17 18.12 27.90
CA LYS A 266 3.34 17.18 28.65
C LYS A 266 2.38 17.89 29.58
N GLN A 267 2.87 18.92 30.29
CA GLN A 267 1.99 19.74 31.12
C GLN A 267 0.87 20.38 30.30
N VAL A 268 1.20 20.91 29.12
CA VAL A 268 0.17 21.55 28.31
C VAL A 268 -0.88 20.54 27.86
N LEU A 269 -0.42 19.36 27.41
CA LEU A 269 -1.34 18.32 26.96
C LEU A 269 -2.31 17.93 28.06
N ASP A 270 -1.81 17.79 29.29
CA ASP A 270 -2.65 17.33 30.39
C ASP A 270 -3.51 18.46 30.95
N ILE A 271 -2.89 19.52 31.43
CA ILE A 271 -3.59 20.55 32.21
C ILE A 271 -4.36 21.51 31.32
N ASP A 272 -3.79 21.88 30.18
CA ASP A 272 -4.42 22.91 29.34
C ASP A 272 -5.30 22.32 28.27
N LEU A 273 -4.84 21.28 27.59
CA LEU A 273 -5.62 20.66 26.53
C LEU A 273 -6.59 19.62 27.04
N HIS A 274 -6.34 19.08 28.24
CA HIS A 274 -7.19 18.07 28.85
C HIS A 274 -7.19 16.77 28.05
N ALA A 275 -6.05 16.48 27.44
CA ALA A 275 -5.84 15.23 26.73
C ALA A 275 -5.42 14.14 27.70
N GLN A 276 -5.62 12.90 27.27
CA GLN A 276 -5.29 11.72 28.06
C GLN A 276 -3.95 11.19 27.56
N ILE A 277 -2.92 11.33 28.39
CA ILE A 277 -1.58 10.84 28.06
C ILE A 277 -1.54 9.38 28.46
N HIS A 278 -1.41 8.50 27.47
CA HIS A 278 -1.41 7.07 27.70
C HIS A 278 -0.03 6.54 28.06
N PHE A 279 1.01 7.13 27.51
CA PHE A 279 2.37 6.88 27.99
C PHE A 279 3.20 8.11 27.67
N GLY A 280 4.19 8.35 28.55
CA GLY A 280 5.08 9.48 28.42
C GLY A 280 6.55 9.09 28.38
N ARG A 281 6.86 7.82 28.58
CA ARG A 281 8.21 7.32 28.34
C ARG A 281 8.07 5.88 27.87
N VAL A 282 9.01 5.47 27.03
CA VAL A 282 9.05 4.12 26.48
C VAL A 282 10.45 3.57 26.69
N PHE A 283 10.54 2.34 27.18
CA PHE A 283 11.82 1.69 27.41
C PHE A 283 12.35 1.18 26.06
N MET A 284 12.98 2.10 25.33
CA MET A 284 13.47 1.83 23.98
C MET A 284 14.64 2.74 23.70
N LYS A 285 15.49 2.33 22.76
CA LYS A 285 16.66 3.10 22.38
C LYS A 285 16.71 3.24 20.86
N PRO A 286 16.69 4.45 20.30
CA PRO A 286 16.39 5.74 20.93
C PRO A 286 14.90 5.83 21.19
N GLY A 287 14.46 6.87 21.87
CA GLY A 287 13.05 7.16 21.96
C GLY A 287 12.47 7.18 23.35
N LEU A 288 13.34 7.28 24.37
CA LEU A 288 12.89 7.23 25.76
C LEU A 288 11.71 8.16 26.06
N PRO A 289 11.67 9.42 25.62
CA PRO A 289 10.59 10.32 26.07
C PRO A 289 9.36 10.34 25.19
N THR A 290 9.23 9.39 24.27
CA THR A 290 8.12 9.35 23.34
C THR A 290 6.79 9.34 24.10
N THR A 291 5.86 10.17 23.65
CA THR A 291 4.60 10.41 24.35
C THR A 291 3.42 10.26 23.39
N PHE A 292 2.34 9.65 23.86
CA PHE A 292 1.15 9.40 23.05
C PHE A 292 -0.08 9.80 23.84
N ALA A 293 -0.94 10.61 23.24
CA ALA A 293 -2.13 11.10 23.92
C ALA A 293 -3.33 11.04 22.98
N THR A 294 -4.51 10.92 23.56
CA THR A 294 -5.74 11.08 22.79
C THR A 294 -6.58 12.21 23.40
N LEU A 295 -7.45 12.77 22.55
CA LEU A 295 -8.34 13.84 22.98
C LEU A 295 -9.68 13.61 22.33
N ASP A 296 -10.72 13.43 23.14
CA ASP A 296 -12.07 13.17 22.64
C ASP A 296 -12.85 14.46 22.69
N ILE A 297 -13.21 14.98 21.52
CA ILE A 297 -14.01 16.20 21.43
C ILE A 297 -15.22 15.90 20.56
N ASP A 298 -16.41 16.07 21.13
CA ASP A 298 -17.65 15.98 20.37
C ASP A 298 -17.70 14.65 19.61
N GLY A 299 -17.39 13.57 20.32
CA GLY A 299 -17.46 12.25 19.72
C GLY A 299 -16.44 11.97 18.64
N VAL A 300 -15.42 12.80 18.52
CA VAL A 300 -14.31 12.57 17.60
C VAL A 300 -13.06 12.39 18.42
N ARG A 301 -12.27 11.38 18.11
CA ARG A 301 -10.99 11.16 18.80
C ARG A 301 -9.83 11.68 17.96
N LYS A 302 -9.12 12.66 18.51
CA LYS A 302 -7.86 13.16 17.96
C LYS A 302 -6.72 12.39 18.60
N ILE A 303 -5.65 12.23 17.81
N ILE A 303 -5.67 12.11 17.83
CA ILE A 303 -4.45 11.48 18.15
CA ILE A 303 -4.51 11.46 18.43
C ILE A 303 -3.28 12.46 18.22
C ILE A 303 -3.27 12.32 18.22
N ILE A 304 -2.44 12.33 19.25
CA ILE A 304 -1.29 13.22 19.39
C ILE A 304 -0.08 12.38 19.70
N PHE A 305 0.96 12.53 18.89
CA PHE A 305 2.26 11.92 19.15
C PHE A 305 3.22 13.06 19.44
N ALA A 306 3.83 13.04 20.60
CA ALA A 306 4.85 14.01 20.98
C ALA A 306 6.17 13.25 20.99
N LEU A 307 6.91 13.40 19.91
CA LEU A 307 8.10 12.61 19.65
C LEU A 307 9.33 13.31 20.21
N PRO A 308 10.39 12.57 20.46
CA PRO A 308 11.63 13.20 20.92
C PRO A 308 12.18 14.17 19.88
N GLY A 309 12.96 15.15 20.37
CA GLY A 309 13.54 16.13 19.48
C GLY A 309 14.78 15.70 18.73
N ASN A 310 15.55 14.77 19.27
CA ASN A 310 16.75 14.33 18.56
C ASN A 310 16.32 13.84 17.18
N PRO A 311 16.94 14.32 16.09
CA PRO A 311 16.41 13.97 14.76
C PRO A 311 16.33 12.47 14.48
N VAL A 312 17.33 11.69 14.87
CA VAL A 312 17.27 10.25 14.66
C VAL A 312 16.13 9.64 15.44
N SER A 313 15.97 10.05 16.71
CA SER A 313 14.88 9.53 17.52
C SER A 313 13.54 9.86 16.91
N ALA A 314 13.38 11.09 16.40
CA ALA A 314 12.10 11.49 15.84
C ALA A 314 11.73 10.60 14.65
N VAL A 315 12.68 10.35 13.73
CA VAL A 315 12.28 9.58 12.55
C VAL A 315 12.08 8.10 12.90
N VAL A 316 12.86 7.57 13.84
CA VAL A 316 12.69 6.18 14.25
C VAL A 316 11.32 5.98 14.91
N THR A 317 10.98 6.84 15.87
CA THR A 317 9.71 6.71 16.57
C THR A 317 8.52 7.00 15.65
N CYS A 318 8.68 7.88 14.67
CA CYS A 318 7.61 8.10 13.70
C CYS A 318 7.31 6.81 12.96
N ASN A 319 8.37 6.12 12.51
CA ASN A 319 8.15 4.87 11.77
C ASN A 319 7.57 3.76 12.63
N LEU A 320 7.99 3.68 13.91
CA LEU A 320 7.50 2.62 14.79
C LEU A 320 6.06 2.82 15.24
N PHE A 321 5.67 4.04 15.58
CA PHE A 321 4.37 4.27 16.24
C PHE A 321 3.37 5.00 15.36
N VAL A 322 3.82 6.03 14.64
CA VAL A 322 2.88 6.87 13.92
C VAL A 322 2.34 6.15 12.68
N VAL A 323 3.22 5.58 11.87
CA VAL A 323 2.79 4.95 10.62
C VAL A 323 1.76 3.86 10.88
N PRO A 324 1.95 2.93 11.82
CA PRO A 324 0.89 1.94 12.05
C PRO A 324 -0.43 2.57 12.45
N ALA A 325 -0.39 3.62 13.27
CA ALA A 325 -1.63 4.29 13.64
C ALA A 325 -2.33 4.87 12.42
N LEU A 326 -1.58 5.51 11.54
CA LEU A 326 -2.18 6.11 10.35
C LEU A 326 -2.79 5.04 9.46
N ARG A 327 -2.12 3.89 9.36
CA ARG A 327 -2.66 2.78 8.58
C ARG A 327 -3.98 2.28 9.18
N LYS A 328 -4.07 2.19 10.52
CA LYS A 328 -5.36 1.83 11.12
C LYS A 328 -6.42 2.88 10.82
N MET A 329 -6.06 4.16 10.91
CA MET A 329 -7.04 5.22 10.69
C MET A 329 -7.61 5.17 9.29
N GLN A 330 -6.77 4.87 8.27
CA GLN A 330 -7.27 4.80 6.90
C GLN A 330 -7.90 3.45 6.57
N GLY A 331 -8.17 2.61 7.56
CA GLY A 331 -8.98 1.43 7.33
C GLY A 331 -8.25 0.14 7.09
N ILE A 332 -6.92 0.12 7.12
CA ILE A 332 -6.23 -1.14 6.84
C ILE A 332 -6.48 -2.11 7.99
N LEU A 333 -6.90 -3.32 7.68
CA LEU A 333 -7.43 -4.20 8.72
CA LEU A 333 -7.43 -4.20 8.72
C LEU A 333 -6.34 -4.64 9.68
N ASP A 334 -5.19 -5.07 9.16
CA ASP A 334 -4.02 -5.36 9.98
C ASP A 334 -2.97 -4.33 9.64
N PRO A 335 -2.84 -3.27 10.44
CA PRO A 335 -2.00 -2.12 10.09
C PRO A 335 -0.55 -2.25 10.52
N ARG A 336 -0.15 -3.40 11.00
CA ARG A 336 1.15 -3.56 11.57
C ARG A 336 2.21 -3.68 10.49
N PRO A 337 3.45 -3.37 10.84
CA PRO A 337 4.52 -3.40 9.85
C PRO A 337 4.89 -4.80 9.42
N THR A 338 5.50 -4.84 8.26
CA THR A 338 6.12 -6.05 7.73
C THR A 338 7.52 -6.20 8.33
N ILE A 339 7.78 -7.38 8.87
CA ILE A 339 9.06 -7.72 9.47
C ILE A 339 9.71 -8.80 8.61
N ILE A 340 10.96 -8.57 8.23
CA ILE A 340 11.74 -9.52 7.43
CA ILE A 340 11.71 -9.55 7.45
C ILE A 340 12.94 -9.96 8.24
N LYS A 341 13.38 -11.20 8.02
CA LYS A 341 14.60 -11.70 8.64
C LYS A 341 15.78 -11.37 7.75
N ALA A 342 16.84 -10.84 8.34
CA ALA A 342 18.01 -10.42 7.59
C ALA A 342 19.26 -10.76 8.37
N ARG A 343 20.39 -10.80 7.68
CA ARG A 343 21.68 -11.05 8.32
CA ARG A 343 21.68 -11.05 8.32
C ARG A 343 22.37 -9.74 8.65
N LEU A 344 22.85 -9.63 9.90
CA LEU A 344 23.60 -8.45 10.32
C LEU A 344 24.88 -8.33 9.53
N SER A 345 25.17 -7.14 9.04
CA SER A 345 26.42 -6.94 8.31
CA SER A 345 26.41 -6.93 8.31
C SER A 345 27.60 -6.67 9.23
N CYS A 346 27.36 -6.39 10.51
CA CYS A 346 28.43 -6.07 11.45
CA CYS A 346 28.46 -6.16 11.44
C CYS A 346 28.03 -6.52 12.85
N ASP A 347 29.02 -6.71 13.71
CA ASP A 347 28.76 -6.97 15.12
C ASP A 347 28.06 -5.77 15.75
N VAL A 348 27.18 -6.02 16.72
CA VAL A 348 26.49 -4.95 17.42
C VAL A 348 26.41 -5.28 18.91
N LYS A 349 26.61 -4.26 19.75
CA LYS A 349 26.42 -4.40 21.18
C LYS A 349 24.94 -4.20 21.54
N LEU A 350 24.42 -5.09 22.37
CA LEU A 350 23.05 -4.95 22.83
C LEU A 350 22.95 -4.07 24.07
N ASP A 351 21.81 -3.42 24.20
CA ASP A 351 21.50 -2.53 25.30
C ASP A 351 20.46 -3.15 26.20
N PRO A 352 20.32 -2.70 27.46
CA PRO A 352 19.20 -3.17 28.27
C PRO A 352 17.86 -2.90 27.63
N ARG A 353 17.77 -1.86 26.83
CA ARG A 353 16.57 -1.55 26.08
C ARG A 353 16.62 -2.17 24.69
N PRO A 354 15.47 -2.54 24.14
CA PRO A 354 15.42 -2.89 22.73
C PRO A 354 15.88 -1.68 21.92
N GLU A 355 16.68 -1.95 20.88
CA GLU A 355 17.36 -0.92 20.11
CA GLU A 355 17.34 -0.91 20.12
C GLU A 355 16.88 -0.93 18.68
N TYR A 356 16.76 0.25 18.07
CA TYR A 356 16.25 0.38 16.70
C TYR A 356 17.20 1.24 15.88
N HIS A 357 17.55 0.81 14.67
CA HIS A 357 18.44 1.62 13.85
C HIS A 357 18.11 1.49 12.37
N ARG A 358 18.12 2.61 11.64
CA ARG A 358 17.89 2.55 10.21
C ARG A 358 18.97 1.71 9.54
N CYS A 359 18.57 0.99 8.49
CA CYS A 359 19.47 0.16 7.73
C CYS A 359 19.00 0.08 6.30
N ILE A 360 19.88 -0.50 5.47
CA ILE A 360 19.58 -0.83 4.09
C ILE A 360 19.58 -2.35 3.97
N LEU A 361 18.48 -2.87 3.46
CA LEU A 361 18.33 -4.28 3.14
C LEU A 361 18.72 -4.53 1.70
N THR A 362 19.57 -5.53 1.48
CA THR A 362 20.06 -5.89 0.14
CA THR A 362 20.02 -5.89 0.13
C THR A 362 20.02 -7.40 -0.01
N TRP A 363 19.54 -7.87 -1.16
CA TRP A 363 19.58 -9.29 -1.48
C TRP A 363 20.76 -9.53 -2.41
N HIS A 364 21.52 -10.58 -2.11
CA HIS A 364 22.70 -10.93 -2.87
C HIS A 364 22.42 -12.15 -3.75
N HIS A 365 23.32 -12.39 -4.70
CA HIS A 365 23.11 -13.40 -5.71
C HIS A 365 22.85 -14.78 -5.11
N GLN A 366 21.60 -15.23 -5.19
N GLN A 366 21.61 -15.24 -5.23
CA GLN A 366 21.22 -16.60 -4.85
CA GLN A 366 21.22 -16.60 -4.84
C GLN A 366 21.28 -16.88 -3.35
C GLN A 366 21.08 -16.75 -3.33
N GLU A 367 21.84 -15.97 -2.55
CA GLU A 367 21.77 -16.12 -1.11
C GLU A 367 20.35 -15.88 -0.64
N PRO A 368 19.77 -16.75 0.19
CA PRO A 368 18.33 -16.66 0.47
C PRO A 368 17.93 -15.47 1.33
N LEU A 369 18.73 -15.15 2.34
CA LEU A 369 18.37 -14.05 3.21
C LEU A 369 19.08 -12.77 2.80
N PRO A 370 18.38 -11.63 2.92
CA PRO A 370 19.04 -10.35 2.71
C PRO A 370 20.02 -10.04 3.83
N TRP A 371 20.92 -9.12 3.53
CA TRP A 371 21.79 -8.50 4.52
C TRP A 371 21.24 -7.14 4.93
N ALA A 372 21.38 -6.82 6.20
CA ALA A 372 21.01 -5.52 6.75
C ALA A 372 22.28 -4.77 7.09
N GLN A 373 22.49 -3.66 6.41
CA GLN A 373 23.64 -2.81 6.71
C GLN A 373 23.14 -1.54 7.38
N SER A 374 23.55 -1.35 8.64
CA SER A 374 23.17 -0.15 9.37
C SER A 374 23.71 1.09 8.68
N THR A 375 22.89 2.13 8.65
CA THR A 375 23.33 3.38 8.05
C THR A 375 24.33 4.09 8.96
N GLY A 376 25.01 5.09 8.40
CA GLY A 376 26.00 5.84 9.16
C GLY A 376 27.15 4.97 9.64
N LEU A 383 28.70 3.39 -3.25
CA LEU A 383 27.44 3.19 -3.96
C LEU A 383 26.32 2.88 -2.98
N MET A 384 26.68 2.32 -1.82
CA MET A 384 25.68 2.04 -0.80
C MET A 384 25.03 3.34 -0.31
N SER A 385 25.74 4.45 -0.38
CA SER A 385 25.21 5.73 0.03
C SER A 385 24.23 6.33 -0.97
N MET A 386 24.14 5.79 -2.18
CA MET A 386 23.14 6.27 -3.14
C MET A 386 21.72 5.85 -2.77
N ARG A 387 21.55 4.94 -1.79
CA ARG A 387 20.25 4.39 -1.43
C ARG A 387 19.78 4.94 -0.09
N SER A 388 18.48 5.18 0.01
N SER A 388 18.49 5.21 0.00
CA SER A 388 17.87 5.63 1.25
CA SER A 388 17.89 5.59 1.25
C SER A 388 17.47 4.42 2.11
C SER A 388 17.65 4.37 2.13
N ALA A 389 17.52 4.62 3.43
CA ALA A 389 17.16 3.54 4.36
C ALA A 389 15.81 2.94 3.99
N ASN A 390 15.76 1.61 3.95
CA ASN A 390 14.50 0.91 3.71
C ASN A 390 14.17 -0.05 4.83
N GLY A 391 14.94 -0.04 5.92
CA GLY A 391 14.65 -0.92 7.03
C GLY A 391 14.98 -0.26 8.36
N LEU A 392 14.39 -0.82 9.41
CA LEU A 392 14.74 -0.49 10.78
C LEU A 392 15.12 -1.79 11.47
N LEU A 393 16.40 -1.93 11.78
CA LEU A 393 16.88 -3.03 12.61
C LEU A 393 16.17 -3.01 13.94
N MET A 394 15.72 -4.20 14.39
CA MET A 394 15.02 -4.36 15.66
CA MET A 394 15.01 -4.38 15.64
C MET A 394 15.86 -5.30 16.51
N LEU A 395 16.69 -4.73 17.35
CA LEU A 395 17.63 -5.49 18.16
C LEU A 395 17.03 -5.81 19.52
N PRO A 396 17.20 -7.05 20.00
CA PRO A 396 16.59 -7.44 21.25
C PRO A 396 17.34 -6.87 22.44
N PRO A 397 16.68 -6.76 23.60
CA PRO A 397 17.40 -6.35 24.81
C PRO A 397 18.48 -7.35 25.16
N LYS A 398 19.59 -6.85 25.70
CA LYS A 398 20.61 -7.74 26.22
C LYS A 398 20.06 -8.56 27.39
N THR A 399 20.61 -9.76 27.54
CA THR A 399 20.36 -10.59 28.71
C THR A 399 21.71 -10.98 29.28
N GLU A 400 21.68 -11.60 30.47
CA GLU A 400 22.92 -12.13 31.04
C GLU A 400 23.61 -13.06 30.05
N GLN A 401 22.82 -13.83 29.29
CA GLN A 401 23.38 -14.74 28.30
C GLN A 401 23.86 -14.01 27.05
N TYR A 402 23.02 -13.13 26.48
CA TYR A 402 23.26 -12.51 25.18
C TYR A 402 23.56 -11.03 25.39
N VAL A 403 24.81 -10.64 25.14
CA VAL A 403 25.25 -9.26 25.27
C VAL A 403 25.59 -8.64 23.93
N GLU A 404 25.73 -9.44 22.87
CA GLU A 404 26.22 -8.94 21.60
C GLU A 404 25.71 -9.88 20.51
N LEU A 405 25.43 -9.31 19.34
CA LEU A 405 25.12 -10.09 18.16
CA LEU A 405 25.11 -10.08 18.15
C LEU A 405 26.25 -9.94 17.15
N HIS A 406 26.42 -10.97 16.32
CA HIS A 406 27.58 -11.03 15.46
C HIS A 406 27.18 -10.97 13.99
N LYS A 407 28.09 -10.43 13.19
CA LYS A 407 27.97 -10.45 11.75
C LYS A 407 27.46 -11.80 11.27
N GLY A 408 26.44 -11.77 10.42
CA GLY A 408 25.87 -12.97 9.84
C GLY A 408 24.68 -13.51 10.60
N GLU A 409 24.51 -13.13 11.86
CA GLU A 409 23.38 -13.63 12.63
CA GLU A 409 23.38 -13.64 12.63
C GLU A 409 22.09 -12.99 12.15
N VAL A 410 21.00 -13.74 12.27
CA VAL A 410 19.70 -13.32 11.75
C VAL A 410 19.00 -12.43 12.75
N VAL A 411 18.47 -11.31 12.27
CA VAL A 411 17.74 -10.34 13.07
C VAL A 411 16.47 -9.91 12.35
N ASP A 412 15.53 -9.36 13.12
CA ASP A 412 14.32 -8.78 12.56
C ASP A 412 14.58 -7.38 12.03
N VAL A 413 14.00 -7.10 10.87
CA VAL A 413 14.08 -5.78 10.26
C VAL A 413 12.69 -5.36 9.82
N MET A 414 12.27 -4.19 10.28
CA MET A 414 10.99 -3.63 9.87
CA MET A 414 11.00 -3.64 9.87
C MET A 414 11.16 -2.89 8.55
N VAL A 415 10.28 -3.17 7.61
CA VAL A 415 10.33 -2.48 6.31
C VAL A 415 9.79 -1.07 6.47
N ILE A 416 10.57 -0.06 6.04
CA ILE A 416 10.12 1.33 6.10
C ILE A 416 10.26 2.05 4.78
N GLY A 417 10.78 1.38 3.75
CA GLY A 417 10.87 1.95 2.43
C GLY A 417 10.70 0.85 1.42
N ARG A 418 10.47 1.25 0.18
CA ARG A 418 10.41 0.28 -0.90
C ARG A 418 11.73 -0.49 -0.95
N LEU A 419 11.62 -1.80 -1.16
CA LEU A 419 12.80 -2.62 -1.20
C LEU A 419 13.40 -2.63 -2.60
CA CA B . 14.06 21.54 23.15
PB ADP C . 14.70 18.90 25.59
PB ADP C . 13.41 15.99 24.09
O1B ADP C . 13.26 18.45 25.69
O1B ADP C . 13.40 16.91 25.29
O2B ADP C . 15.54 18.43 26.69
O2B ADP C . 12.05 15.81 23.48
O3B ADP C . 14.90 20.37 25.15
O3B ADP C . 14.15 14.68 24.20
PA ADP C . 14.63 18.05 22.82
PA ADP C . 14.90 18.21 23.03
O1A ADP C . 13.99 16.70 22.54
O1A ADP C . 15.74 18.31 24.29
O2A ADP C . 13.79 19.30 22.69
O2A ADP C . 13.78 19.18 22.78
O3A ADP C . 15.28 18.05 24.31
O3A ADP C . 14.31 16.70 22.96
O5' ADP C . 15.92 18.21 21.89
O5' ADP C . 15.94 18.22 21.81
C5' ADP C . 16.89 17.16 21.80
C5' ADP C . 16.90 17.16 21.73
C4' ADP C . 17.92 17.58 20.76
C4' ADP C . 18.00 17.55 20.75
O4' ADP C . 17.28 17.63 19.49
O4' ADP C . 17.44 17.60 19.43
C3' ADP C . 18.55 18.97 20.96
C3' ADP C . 18.58 18.94 21.02
O3' ADP C . 19.92 18.95 20.49
O3' ADP C . 19.99 18.92 20.76
C2' ADP C . 17.72 19.86 20.06
C2' ADP C . 17.86 19.85 20.04
O2' ADP C . 18.33 21.08 19.63
O2' ADP C . 18.64 20.98 19.63
C1' ADP C . 17.46 18.91 18.89
C1' ADP C . 17.58 18.90 18.88
N9 ADP C . 16.25 19.24 18.14
N9 ADP C . 16.33 19.21 18.14
C8 ADP C . 15.02 19.45 18.66
C8 ADP C . 15.10 19.38 18.67
N7 ADP C . 14.14 19.73 17.68
N7 ADP C . 14.20 19.63 17.70
C5 ADP C . 14.82 19.67 16.52
C5 ADP C . 14.87 19.62 16.53
C6 ADP C . 14.48 19.90 15.13
C6 ADP C . 14.53 19.82 15.11
N6 ADP C . 13.22 20.18 14.76
N6 ADP C . 13.27 20.08 14.72
N1 ADP C . 15.43 19.81 14.20
N1 ADP C . 15.51 19.74 14.20
C2 ADP C . 16.70 19.50 14.53
C2 ADP C . 16.79 19.47 14.54
N3 ADP C . 17.11 19.29 15.80
N3 ADP C . 17.17 19.28 15.81
C4 ADP C . 16.21 19.38 16.81
C4 ADP C . 16.27 19.35 16.82
H5'1 ADP C . 16.40 16.23 21.50
H5'1 ADP C . 16.42 16.24 21.40
H5'2 ADP C . 17.36 17.01 22.77
H5'2 ADP C . 17.34 16.98 22.72
H4' ADP C . 18.73 16.83 20.75
H4' ADP C . 18.80 16.81 20.79
H3' ADP C . 18.47 19.28 22.01
H3' ADP C . 18.36 19.24 22.05
HO3' ADP C . 20.31 19.83 20.63
HO3' ADP C . 20.36 19.79 20.93
H2' ADP C . 16.76 20.07 20.56
H2' ADP C . 16.91 20.17 20.48
HO2' ADP C . 18.53 21.63 20.41
HO2' ADP C . 18.85 21.52 20.40
H1' ADP C . 18.34 18.90 18.23
H1' ADP C . 18.44 18.92 18.18
H8 ADP C . 14.79 19.39 19.72
H8 ADP C . 14.87 19.32 19.73
HN61 ADP C . 12.49 20.27 15.47
HN61 ADP C . 12.54 20.16 15.39
HN62 ADP C . 12.99 20.33 13.79
HN62 ADP C . 13.07 20.21 13.73
H2 ADP C . 17.44 19.42 13.74
H2 ADP C . 17.52 19.41 13.75
P PO4 D . -10.44 17.53 9.68
O1 PO4 D . -11.65 16.71 9.28
O2 PO4 D . -9.21 16.99 8.99
O3 PO4 D . -10.69 18.98 9.27
O4 PO4 D . -10.22 17.44 11.17
C1 MPD E . 18.26 12.18 11.38
C2 MPD E . 18.23 12.41 9.87
O2 MPD E . 19.00 11.38 9.22
CM MPD E . 16.81 12.24 9.34
C3 MPD E . 18.76 13.80 9.48
C4 MPD E . 20.12 14.24 10.06
O4 MPD E . 19.96 14.80 11.34
C5 MPD E . 21.22 13.17 10.20
H11 MPD E . 18.66 13.06 11.89
H12 MPD E . 17.25 11.99 11.75
H13 MPD E . 18.89 11.32 11.61
HO2 MPD E . 19.70 11.79 8.67
HM1 MPD E . 16.52 13.15 8.80
HM2 MPD E . 16.13 12.08 10.17
HM3 MPD E . 16.78 11.39 8.67
H31 MPD E . 18.02 14.54 9.77
H32 MPD E . 18.84 13.83 8.39
H4 MPD E . 20.52 15.01 9.40
HO4 MPD E . 20.30 15.72 11.34
H51 MPD E . 21.56 13.14 11.23
H52 MPD E . 22.05 13.42 9.54
H53 MPD E . 20.81 12.19 9.92
C1 MRD F . 2.86 28.02 13.64
C2 MRD F . 1.39 27.75 13.83
O2 MRD F . 0.73 27.45 12.55
CM MRD F . 1.09 26.57 14.77
C3 MRD F . 1.04 29.02 14.58
C4 MRD F . 0.91 30.32 13.78
O4 MRD F . 1.78 31.37 13.94
C5 MRD F . -0.21 31.19 14.24
H1C1 MRD F . 3.12 28.98 14.08
H1C2 MRD F . 3.09 28.03 12.58
H1C3 MRD F . 3.44 27.22 14.12
H2 MRD F . 0.09 28.17 12.34
HMC1 MRD F . 0.71 26.96 15.71
HMC2 MRD F . 2.00 26.01 14.95
HMC3 MRD F . 0.35 25.93 14.31
H3C1 MRD F . 0.09 28.86 15.10
H3C2 MRD F . 1.79 29.19 15.35
H4 MRD F . 0.76 30.08 12.73
HA MRD F . 1.58 32.07 13.28
H5C1 MRD F . 0.17 32.19 14.46
H5C2 MRD F . -0.96 31.27 13.45
H5C3 MRD F . -0.67 30.77 15.13
C ACT G . 21.97 14.74 14.19
O ACT G . 21.18 13.76 14.31
OXT ACT G . 22.62 14.80 13.11
CH3 ACT G . 22.12 15.78 15.25
H1 ACT G . 22.85 16.52 14.92
H2 ACT G . 22.48 15.31 16.17
H3 ACT G . 21.16 16.26 15.43
C ACT H . 8.95 30.23 5.24
O ACT H . 8.17 31.20 4.93
OXT ACT H . 9.52 30.32 6.36
CH3 ACT H . 9.17 29.08 4.32
H1 ACT H . 8.59 29.22 3.41
H2 ACT H . 8.86 28.15 4.82
H3 ACT H . 10.23 29.01 4.07
C ACT I . -11.46 3.96 19.21
O ACT I . -11.95 4.96 19.76
OXT ACT I . -10.25 3.77 19.43
CH3 ACT I . -12.27 3.05 18.33
H1 ACT I . -13.30 3.41 18.27
H2 ACT I . -12.26 2.04 18.75
H3 ACT I . -11.84 3.02 17.33
C ACT J . -8.50 -4.39 20.70
O ACT J . -9.33 -4.48 21.64
OXT ACT J . -8.36 -3.26 20.20
CH3 ACT J . -7.73 -5.59 20.23
H1 ACT J . -7.06 -5.29 19.42
H2 ACT J . -8.41 -6.35 19.87
H3 ACT J . -7.13 -5.98 21.05
C ACT K . 10.38 -2.12 32.06
O ACT K . 9.90 -2.93 32.89
OXT ACT K . 11.51 -1.66 32.32
CH3 ACT K . 9.61 -1.69 30.84
H1 ACT K . 8.65 -2.21 30.82
H2 ACT K . 10.18 -1.95 29.95
H3 ACT K . 9.45 -0.61 30.86
C ACT L . 17.08 4.45 31.68
O ACT L . 17.54 5.57 31.33
OXT ACT L . 17.71 3.84 32.57
CH3 ACT L . 15.83 3.87 31.07
H1 ACT L . 15.62 2.91 31.53
H2 ACT L . 15.99 3.74 30.00
H3 ACT L . 15.00 4.55 31.24
C ACT M . 1.27 -7.62 8.56
O ACT M . 0.25 -6.92 8.39
OXT ACT M . 1.46 -8.00 9.73
CH3 ACT M . 2.19 -7.97 7.41
H1 ACT M . 1.81 -7.53 6.49
H2 ACT M . 2.24 -9.05 7.31
H3 ACT M . 3.19 -7.58 7.62
C ACT N . -17.41 -0.10 6.87
O ACT N . -18.65 -0.19 6.98
OXT ACT N . -16.91 1.03 7.08
CH3 ACT N . -16.56 -1.29 6.53
H1 ACT N . -17.19 -2.17 6.38
H2 ACT N . -15.84 -1.48 7.33
H3 ACT N . -16.01 -1.09 5.60
C ACT O . -15.97 0.36 13.61
O ACT O . -16.24 -0.85 13.84
OXT ACT O . -16.94 1.15 13.65
CH3 ACT O . -14.58 0.81 13.32
H1 ACT O . -14.58 1.89 13.17
H2 ACT O . -14.21 0.32 12.43
H3 ACT O . -13.93 0.57 14.17
C ACT P . -13.96 -11.93 -3.04
O ACT P . -14.72 -12.25 -2.10
OXT ACT P . -14.12 -10.79 -3.52
CH3 ACT P . -12.91 -12.87 -3.57
H1 ACT P . -12.37 -12.39 -4.37
H2 ACT P . -13.39 -13.77 -3.93
H3 ACT P . -12.22 -13.12 -2.76
CAA D95 Q . 7.46 -2.83 16.84
CAB D95 Q . 6.27 -3.69 17.27
CAC D95 Q . 6.29 -3.82 18.78
CAD D95 Q . 5.07 -4.62 19.20
CAE D95 Q . 5.15 -6.01 18.63
CAF D95 Q . 3.95 -6.86 19.06
CAG D95 Q . 2.71 -6.30 18.40
CAI D95 Q . 3.90 -5.62 16.50
CAJ D95 Q . 5.25 -5.99 17.06
CAK D95 Q . 6.40 -5.09 16.71
CAL D95 Q . 6.43 -4.95 15.20
CAM D95 Q . 6.14 -6.26 14.47
CAN D95 Q . 4.69 -6.78 14.61
CAR D95 Q . 4.20 -7.25 13.28
CAT D95 Q . 0.37 -6.58 18.71
CAV D95 Q . -0.76 -7.46 19.21
CAW D95 Q . -2.07 -6.71 19.15
CAX D95 Q . -2.43 -6.47 17.71
CBA D95 Q . 3.74 -6.87 20.56
OAH D95 Q . 2.84 -6.41 17.02
OAO D95 Q . 3.85 -5.73 15.10
OAP D95 Q . 4.69 -7.82 15.55
OAQ D95 Q . 5.44 -7.41 16.78
OAS D95 Q . 1.64 -7.15 18.78
OAU D95 Q . 0.20 -5.45 18.26
OAY D95 Q . -3.15 -5.49 17.41
OAZ D95 Q . -2.03 -7.27 16.82
HAA D95 Q . 7.63 -2.15 17.52
HAB D95 Q . 7.26 -2.41 15.97
HAC D95 Q . 8.25 -3.40 16.75
HAD D95 Q . 5.44 -3.28 16.98
HAF D95 Q . 7.09 -4.29 19.07
HAE D95 Q . 6.26 -2.95 19.20
HAG D95 Q . 4.26 -4.18 18.87
HAH D95 Q . 5.02 -4.67 20.18
HAI D95 Q . 5.95 -6.43 18.98
HAJ D95 Q . 4.10 -7.77 18.75
HAK D95 Q . 2.55 -5.39 18.67
HAL D95 Q . 3.73 -4.69 16.74
HAM D95 Q . 7.24 -5.49 17.00
HAN D95 Q . 7.31 -4.63 14.93
HAO D95 Q . 5.76 -4.29 14.94
HAQ D95 Q . 6.75 -6.94 14.80
HAP D95 Q . 6.31 -6.13 13.51
HAR D95 Q . 4.11 -6.48 12.68
HAT D95 Q . 3.32 -7.67 13.40
HAS D95 Q . 4.82 -7.89 12.90
HAV D95 Q . -0.57 -7.72 20.15
HAW D95 Q . -0.82 -8.25 18.66
HAY D95 Q . -1.98 -5.85 19.62
HAX D95 Q . -2.77 -7.25 19.58
HBB D95 Q . 3.26 -6.05 20.83
HBA D95 Q . 4.60 -6.91 21.01
HBC D95 Q . 3.20 -7.65 20.80
CL CL R . 15.54 10.27 22.29
#